data_5AKW
#
_entry.id   5AKW
#
_cell.length_a   90.910
_cell.length_b   98.310
_cell.length_c   119.250
_cell.angle_alpha   90.00
_cell.angle_beta   90.00
_cell.angle_gamma   90.00
#
_symmetry.space_group_name_H-M   'C 2 2 21'
#
loop_
_entity.id
_entity.type
_entity.pdbx_description
1 polymer TANKYRASE-2
2 non-polymer 'ZINC ION'
3 non-polymer (2S)-2-(4-chlorophenyl)-2,3-dihydro-1H-quinazolin-4-one
4 non-polymer 'SULFATE ION'
5 non-polymer GLYCEROL
6 water water
#
_entity_poly.entity_id   1
_entity_poly.type   'polypeptide(L)'
_entity_poly.pdbx_seq_one_letter_code
;MHHHHHHSSGVDLGTENLYFQSMLNTSGSGTILIDLSPDDKEFQSVEEEMQSTVREHRDGGHAGGIFNRYNILKIQKVCN
KKLWERYTHRRKEVSEENHNHANERMLFHGSPFVNAIIHKGFDERHAYIGGMFGAGIYFAENSSKSNQYVYGIGGGTGCP
VHKDRSCYICHRQLLFCRVTLGKSFLQFSAMKMAHSPPGHHSVTGRPSVNGLALAEYVIYRGEQAYPEYLITYQIMRPEG
;
_entity_poly.pdbx_strand_id   A,B
#
# COMPACT_ATOMS: atom_id res chain seq x y z
N GLY A 30 11.91 17.28 -31.28
CA GLY A 30 13.35 16.99 -31.41
C GLY A 30 13.68 15.56 -30.99
N THR A 31 12.71 14.71 -30.69
CA THR A 31 13.09 13.35 -30.21
C THR A 31 13.26 12.41 -31.38
N ILE A 32 14.33 11.63 -31.42
CA ILE A 32 14.36 10.53 -32.36
C ILE A 32 14.55 9.21 -31.60
N LEU A 33 13.97 8.14 -32.15
CA LEU A 33 14.01 6.79 -31.57
C LEU A 33 14.90 5.92 -32.44
N ILE A 34 15.98 5.41 -31.88
CA ILE A 34 16.92 4.55 -32.61
C ILE A 34 16.76 3.12 -32.14
N ASP A 35 16.42 2.26 -33.06
CA ASP A 35 16.12 0.85 -32.80
C ASP A 35 17.42 0.13 -32.46
N LEU A 36 17.42 -0.70 -31.42
CA LEU A 36 18.61 -1.47 -31.09
C LEU A 36 18.46 -2.87 -31.65
N SER A 37 19.54 -3.40 -32.19
CA SER A 37 19.50 -4.77 -32.64
C SER A 37 19.53 -5.68 -31.42
N PRO A 38 18.79 -6.78 -31.46
CA PRO A 38 18.91 -7.80 -30.44
C PRO A 38 20.33 -8.38 -30.25
N ASP A 39 21.23 -8.19 -31.22
CA ASP A 39 22.60 -8.69 -31.11
C ASP A 39 23.48 -7.77 -30.30
N ASP A 40 23.04 -6.54 -30.15
CA ASP A 40 23.78 -5.50 -29.45
C ASP A 40 23.77 -5.79 -27.94
N LYS A 41 24.94 -5.67 -27.33
CA LYS A 41 25.12 -5.91 -25.91
C LYS A 41 24.24 -4.95 -25.09
N GLU A 42 24.01 -3.75 -25.62
CA GLU A 42 23.14 -2.78 -25.01
C GLU A 42 21.68 -3.28 -24.99
N PHE A 43 21.20 -3.86 -26.07
CA PHE A 43 19.85 -4.46 -26.08
C PHE A 43 19.80 -5.52 -25.01
N GLN A 44 20.83 -6.36 -24.97
CA GLN A 44 20.81 -7.53 -24.11
C GLN A 44 20.87 -7.19 -22.63
N SER A 45 21.64 -6.18 -22.25
CA SER A 45 21.75 -5.81 -20.84
C SER A 45 20.42 -5.13 -20.36
N VAL A 46 19.76 -4.35 -21.22
CA VAL A 46 18.44 -3.78 -20.90
C VAL A 46 17.36 -4.89 -20.81
N GLU A 47 17.40 -5.87 -21.73
CA GLU A 47 16.41 -6.96 -21.69
C GLU A 47 16.57 -7.73 -20.39
N GLU A 48 17.81 -8.02 -20.04
CA GLU A 48 18.09 -8.74 -18.78
C GLU A 48 17.59 -7.99 -17.52
N GLU A 49 17.72 -6.67 -17.43
CA GLU A 49 17.22 -5.93 -16.27
CA GLU A 49 17.21 -5.94 -16.26
C GLU A 49 15.69 -6.02 -16.23
N MET A 50 15.09 -5.91 -17.40
CA MET A 50 13.65 -6.05 -17.52
C MET A 50 13.13 -7.43 -17.05
N GLN A 51 13.74 -8.50 -17.56
CA GLN A 51 13.31 -9.86 -17.25
C GLN A 51 13.64 -10.25 -15.80
N SER A 52 14.83 -9.93 -15.34
CA SER A 52 15.29 -10.44 -14.06
C SER A 52 14.60 -9.74 -12.89
N THR A 53 13.93 -8.60 -13.13
CA THR A 53 13.30 -7.87 -12.02
C THR A 53 11.79 -8.03 -12.00
N VAL A 54 11.26 -9.04 -12.69
CA VAL A 54 9.85 -9.44 -12.53
C VAL A 54 9.68 -10.10 -11.15
N ARG A 55 8.59 -9.77 -10.46
CA ARG A 55 8.24 -10.47 -9.24
C ARG A 55 6.73 -10.68 -9.26
N GLU A 56 6.26 -11.52 -8.34
CA GLU A 56 4.82 -11.63 -8.00
C GLU A 56 4.35 -10.41 -7.20
N HIS A 57 3.10 -10.02 -7.39
CA HIS A 57 2.55 -8.86 -6.74
C HIS A 57 1.42 -9.28 -5.83
N ARG A 58 1.15 -8.43 -4.85
CA ARG A 58 0.25 -8.78 -3.75
C ARG A 58 -1.21 -8.81 -4.20
N ASP A 59 -1.49 -8.16 -5.34
CA ASP A 59 -2.80 -8.18 -5.96
C ASP A 59 -3.07 -9.41 -6.84
N GLY A 60 -2.15 -10.37 -6.84
CA GLY A 60 -2.30 -11.58 -7.64
C GLY A 60 -2.41 -11.36 -9.15
N GLY A 61 -1.91 -10.24 -9.63
CA GLY A 61 -2.01 -9.91 -11.04
C GLY A 61 -3.14 -8.96 -11.43
N HIS A 62 -3.94 -8.52 -10.49
CA HIS A 62 -5.08 -7.68 -10.82
C HIS A 62 -4.69 -6.47 -11.69
N ALA A 63 -3.68 -5.70 -11.28
CA ALA A 63 -3.37 -4.45 -11.95
C ALA A 63 -2.66 -4.71 -13.27
N GLY A 64 -1.62 -5.56 -13.22
CA GLY A 64 -0.67 -5.67 -14.30
C GLY A 64 -0.73 -6.96 -15.10
N GLY A 65 -1.55 -7.91 -14.67
CA GLY A 65 -1.67 -9.20 -15.34
C GLY A 65 -0.88 -10.30 -14.69
N ILE A 66 -1.11 -11.53 -15.14
CA ILE A 66 -0.48 -12.73 -14.60
C ILE A 66 0.62 -13.16 -15.56
N PHE A 67 1.88 -13.16 -15.11
CA PHE A 67 3.03 -13.47 -15.95
C PHE A 67 4.28 -13.60 -15.10
N ASN A 68 5.25 -14.37 -15.55
CA ASN A 68 6.55 -14.46 -14.93
C ASN A 68 7.65 -13.89 -15.81
N ARG A 69 7.33 -13.61 -17.07
CA ARG A 69 8.30 -12.99 -17.95
C ARG A 69 7.62 -12.29 -19.10
N TYR A 70 8.43 -11.62 -19.91
CA TYR A 70 7.96 -10.87 -21.08
C TYR A 70 8.47 -11.43 -22.40
N ASN A 71 7.71 -11.12 -23.45
CA ASN A 71 8.21 -11.21 -24.81
C ASN A 71 8.60 -9.80 -25.26
N ILE A 72 9.91 -9.58 -25.32
CA ILE A 72 10.44 -8.27 -25.69
C ILE A 72 10.42 -8.13 -27.21
N LEU A 73 9.72 -7.11 -27.70
CA LEU A 73 9.50 -6.97 -29.15
C LEU A 73 10.48 -5.97 -29.75
N LYS A 74 10.86 -4.97 -28.98
CA LYS A 74 11.69 -3.90 -29.46
C LYS A 74 12.23 -3.10 -28.28
N ILE A 75 13.48 -2.63 -28.44
CA ILE A 75 14.05 -1.66 -27.54
C ILE A 75 14.62 -0.52 -28.36
N GLN A 76 14.21 0.71 -28.05
CA GLN A 76 14.71 1.90 -28.72
C GLN A 76 15.40 2.85 -27.77
N LYS A 77 16.48 3.45 -28.27
CA LYS A 77 17.16 4.50 -27.57
C LYS A 77 16.41 5.80 -27.85
N VAL A 78 16.16 6.54 -26.78
CA VAL A 78 15.45 7.81 -26.90
C VAL A 78 16.48 8.91 -26.97
N CYS A 79 16.47 9.67 -28.05
CA CYS A 79 17.50 10.70 -28.30
CA CYS A 79 17.52 10.67 -28.33
C CYS A 79 16.85 12.05 -28.47
N ASN A 80 17.12 12.93 -27.50
CA ASN A 80 16.67 14.31 -27.52
C ASN A 80 17.69 15.19 -26.83
N LYS A 81 18.44 15.94 -27.61
CA LYS A 81 19.55 16.76 -27.12
C LYS A 81 19.11 17.75 -26.02
N LYS A 82 18.05 18.47 -26.29
CA LYS A 82 17.50 19.43 -25.36
C LYS A 82 17.07 18.78 -24.06
N LEU A 83 16.34 17.66 -24.13
CA LEU A 83 15.90 17.00 -22.91
C LEU A 83 17.10 16.45 -22.11
N TRP A 84 18.12 15.96 -22.82
CA TRP A 84 19.34 15.47 -22.20
C TRP A 84 20.11 16.57 -21.45
N GLU A 85 20.24 17.72 -22.09
CA GLU A 85 20.91 18.85 -21.46
C GLU A 85 20.11 19.36 -20.25
N ARG A 86 18.79 19.28 -20.33
CA ARG A 86 17.93 19.61 -19.19
C ARG A 86 18.23 18.67 -18.01
N TYR A 87 18.37 17.38 -18.31
CA TYR A 87 18.73 16.39 -17.28
C TYR A 87 20.13 16.63 -16.70
N THR A 88 21.15 16.79 -17.55
CA THR A 88 22.54 16.88 -17.07
C THR A 88 22.78 18.15 -16.27
N HIS A 89 22.07 19.21 -16.65
CA HIS A 89 22.12 20.47 -15.89
C HIS A 89 21.63 20.26 -14.47
N ARG A 90 20.45 19.66 -14.35
CA ARG A 90 19.88 19.40 -13.04
C ARG A 90 20.79 18.41 -12.27
N ARG A 91 21.32 17.43 -12.98
CA ARG A 91 22.19 16.44 -12.36
C ARG A 91 23.39 17.12 -11.68
N LYS A 92 24.00 18.08 -12.39
CA LYS A 92 25.15 18.80 -11.85
C LYS A 92 24.76 19.62 -10.60
N GLU A 93 23.58 20.24 -10.62
CA GLU A 93 23.12 20.96 -9.44
C GLU A 93 22.97 20.03 -8.22
N VAL A 94 22.33 18.89 -8.41
CA VAL A 94 22.18 17.95 -7.31
C VAL A 94 23.55 17.45 -6.84
N SER A 95 24.38 17.08 -7.80
CA SER A 95 25.67 16.53 -7.51
C SER A 95 26.45 17.51 -6.61
N GLU A 96 26.39 18.79 -6.97
CA GLU A 96 27.12 19.79 -6.21
C GLU A 96 26.53 20.07 -4.84
N GLU A 97 25.25 19.75 -4.61
CA GLU A 97 24.63 19.81 -3.27
C GLU A 97 24.84 18.54 -2.43
N ASN A 98 25.57 17.55 -2.97
CA ASN A 98 25.65 16.22 -2.35
C ASN A 98 27.05 15.65 -2.59
N HIS A 99 28.08 16.43 -2.25
CA HIS A 99 29.48 16.01 -2.32
C HIS A 99 29.83 15.34 -3.62
N ASN A 100 29.46 16.00 -4.71
CA ASN A 100 29.69 15.48 -6.08
C ASN A 100 29.21 14.06 -6.36
N HIS A 101 28.03 13.73 -5.87
CA HIS A 101 27.41 12.42 -6.03
C HIS A 101 25.96 12.64 -6.44
N ALA A 102 25.68 12.43 -7.72
CA ALA A 102 24.31 12.49 -8.26
C ALA A 102 23.41 11.37 -7.74
N ASN A 103 24.02 10.26 -7.31
CA ASN A 103 23.30 9.06 -6.90
C ASN A 103 22.30 8.68 -8.04
N GLU A 104 22.87 8.46 -9.22
CA GLU A 104 22.13 8.18 -10.42
C GLU A 104 21.85 6.66 -10.57
N ARG A 105 20.60 6.34 -10.90
CA ARG A 105 20.12 4.96 -11.02
C ARG A 105 19.44 4.79 -12.39
N MET A 106 19.35 3.55 -12.85
CA MET A 106 18.52 3.19 -13.98
C MET A 106 17.29 2.48 -13.44
N LEU A 107 16.13 3.05 -13.70
CA LEU A 107 14.86 2.61 -13.09
C LEU A 107 13.73 2.60 -14.12
N PHE A 108 12.74 1.77 -13.86
CA PHE A 108 11.60 1.63 -14.75
C PHE A 108 10.52 2.65 -14.46
N HIS A 109 9.82 3.05 -15.52
CA HIS A 109 8.64 3.89 -15.37
C HIS A 109 7.58 3.41 -16.33
N GLY A 110 6.37 3.21 -15.81
CA GLY A 110 5.22 2.85 -16.61
C GLY A 110 4.18 3.95 -16.48
N SER A 111 3.54 4.31 -17.58
CA SER A 111 2.60 5.41 -17.60
C SER A 111 1.72 5.41 -18.83
N PRO A 112 0.46 5.86 -18.68
CA PRO A 112 -0.30 6.12 -19.91
C PRO A 112 0.28 7.24 -20.74
N PHE A 113 1.17 8.05 -20.18
CA PHE A 113 1.68 9.22 -20.89
C PHE A 113 3.05 9.02 -21.54
N VAL A 114 3.45 7.76 -21.69
CA VAL A 114 4.75 7.44 -22.25
C VAL A 114 5.08 8.22 -23.54
N ASN A 115 4.11 8.45 -24.44
CA ASN A 115 4.46 9.14 -25.66
CA ASN A 115 4.36 9.19 -25.69
C ASN A 115 4.70 10.66 -25.45
N ALA A 116 3.95 11.31 -24.55
CA ALA A 116 4.25 12.67 -24.20
C ALA A 116 5.61 12.75 -23.50
N ILE A 117 5.92 11.75 -22.66
CA ILE A 117 7.19 11.81 -21.92
C ILE A 117 8.37 11.79 -22.87
N ILE A 118 8.37 10.91 -23.86
CA ILE A 118 9.56 10.77 -24.67
C ILE A 118 9.75 11.99 -25.59
N HIS A 119 8.66 12.69 -25.92
CA HIS A 119 8.71 13.90 -26.74
C HIS A 119 8.90 15.21 -25.99
N LYS A 120 8.29 15.37 -24.81
CA LYS A 120 8.40 16.65 -24.08
CA LYS A 120 8.31 16.63 -24.06
C LYS A 120 9.11 16.56 -22.73
N GLY A 121 9.51 15.36 -22.32
CA GLY A 121 10.24 15.20 -21.06
C GLY A 121 9.27 15.03 -19.91
N PHE A 122 9.81 14.63 -18.77
CA PHE A 122 9.03 14.46 -17.56
C PHE A 122 8.65 15.81 -16.96
N ASP A 123 7.40 16.00 -16.55
CA ASP A 123 7.03 17.15 -15.74
C ASP A 123 5.83 16.84 -14.82
N GLU A 124 5.33 17.86 -14.11
CA GLU A 124 4.21 17.68 -13.14
C GLU A 124 2.96 16.96 -13.67
N ARG A 125 2.73 16.99 -14.97
CA ARG A 125 1.58 16.29 -15.55
C ARG A 125 1.74 14.77 -15.54
N HIS A 126 2.95 14.30 -15.22
CA HIS A 126 3.25 12.86 -15.19
C HIS A 126 3.36 12.29 -13.78
N ALA A 127 3.01 13.13 -12.80
CA ALA A 127 3.07 12.82 -11.38
C ALA A 127 1.96 11.87 -10.98
N TYR A 128 2.21 11.06 -9.97
CA TYR A 128 1.19 10.22 -9.39
C TYR A 128 0.65 11.01 -8.20
N ILE A 129 -0.42 11.76 -8.42
CA ILE A 129 -0.87 12.71 -7.41
C ILE A 129 -1.19 11.95 -6.12
N GLY A 130 -1.83 10.81 -6.26
CA GLY A 130 -2.24 10.01 -5.12
C GLY A 130 -1.21 9.03 -4.56
N GLY A 131 0.05 9.11 -4.96
CA GLY A 131 1.04 8.16 -4.46
C GLY A 131 1.33 8.20 -2.95
N MET A 132 1.85 7.11 -2.44
CA MET A 132 2.06 6.93 -1.01
C MET A 132 3.16 7.82 -0.41
N PHE A 133 3.99 8.42 -1.25
CA PHE A 133 5.03 9.33 -0.79
C PHE A 133 4.78 10.73 -1.34
N GLY A 134 3.53 11.05 -1.61
CA GLY A 134 3.14 12.38 -2.12
C GLY A 134 3.14 12.48 -3.64
N ALA A 135 2.65 13.61 -4.12
CA ALA A 135 2.59 13.91 -5.54
C ALA A 135 3.99 14.08 -6.07
N GLY A 136 4.43 13.09 -6.83
CA GLY A 136 5.69 13.20 -7.52
C GLY A 136 5.69 12.18 -8.64
N ILE A 137 6.85 12.02 -9.27
CA ILE A 137 7.01 11.07 -10.36
C ILE A 137 7.69 9.80 -9.81
N TYR A 138 7.05 8.66 -9.97
CA TYR A 138 7.45 7.40 -9.33
C TYR A 138 8.19 6.49 -10.30
N PHE A 139 9.24 5.83 -9.80
CA PHE A 139 10.04 4.87 -10.56
C PHE A 139 10.21 3.58 -9.73
N ALA A 140 10.43 2.44 -10.41
CA ALA A 140 10.58 1.16 -9.74
C ALA A 140 11.87 0.45 -10.14
N GLU A 141 12.43 -0.30 -9.21
CA GLU A 141 13.48 -1.24 -9.54
C GLU A 141 12.85 -2.47 -10.17
N ASN A 142 11.63 -2.84 -9.76
CA ASN A 142 10.97 -3.99 -10.34
C ASN A 142 10.26 -3.59 -11.65
N SER A 143 10.65 -4.19 -12.77
CA SER A 143 9.95 -3.89 -14.02
C SER A 143 8.44 -4.20 -13.91
N SER A 144 8.11 -5.30 -13.24
CA SER A 144 6.71 -5.71 -13.04
C SER A 144 5.85 -4.72 -12.21
N LYS A 145 6.50 -3.94 -11.35
CA LYS A 145 5.81 -2.89 -10.64
C LYS A 145 5.39 -1.74 -11.59
N SER A 146 6.30 -1.28 -12.42
CA SER A 146 5.96 -0.28 -13.46
C SER A 146 4.96 -0.81 -14.46
N ASN A 147 5.01 -2.12 -14.75
CA ASN A 147 4.02 -2.71 -15.63
C ASN A 147 2.55 -2.50 -15.17
N GLN A 148 2.35 -2.33 -13.85
CA GLN A 148 1.03 -2.14 -13.29
C GLN A 148 0.42 -0.77 -13.65
N TYR A 149 1.23 0.16 -14.14
CA TYR A 149 0.76 1.51 -14.45
C TYR A 149 0.67 1.83 -15.94
N VAL A 150 1.04 0.88 -16.79
CA VAL A 150 1.02 1.05 -18.24
C VAL A 150 -0.37 1.49 -18.74
N TYR A 151 -1.43 0.95 -18.15
CA TYR A 151 -2.78 1.31 -18.52
C TYR A 151 -3.49 2.20 -17.52
N GLY A 152 -2.71 2.87 -16.69
CA GLY A 152 -3.25 3.77 -15.69
C GLY A 152 -3.09 3.24 -14.30
N ILE A 153 -3.47 4.06 -13.33
CA ILE A 153 -3.38 3.69 -11.91
C ILE A 153 -4.21 2.44 -11.68
N GLY A 154 -3.67 1.47 -10.96
CA GLY A 154 -4.41 0.23 -10.73
C GLY A 154 -4.60 -0.58 -12.02
N GLY A 155 -3.91 -0.20 -13.10
CA GLY A 155 -4.12 -0.87 -14.38
C GLY A 155 -5.27 -0.31 -15.20
N GLY A 156 -5.98 0.69 -14.66
CA GLY A 156 -7.13 1.30 -15.31
C GLY A 156 -8.14 0.25 -15.71
N THR A 157 -8.58 0.29 -16.96
CA THR A 157 -9.51 -0.71 -17.49
C THR A 157 -8.82 -1.70 -18.41
N GLY A 158 -7.50 -1.73 -18.37
CA GLY A 158 -6.75 -2.68 -19.15
C GLY A 158 -6.48 -2.09 -20.52
N CYS A 159 -6.08 -2.96 -21.44
CA CYS A 159 -5.74 -2.54 -22.79
C CYS A 159 -6.90 -1.82 -23.46
N PRO A 160 -6.62 -0.86 -24.35
CA PRO A 160 -7.66 -0.18 -25.11
C PRO A 160 -8.53 -1.10 -25.97
N VAL A 161 -7.95 -2.16 -26.51
CA VAL A 161 -8.63 -3.00 -27.46
C VAL A 161 -9.53 -4.04 -26.78
N HIS A 162 -9.03 -4.76 -25.79
CA HIS A 162 -9.82 -5.83 -25.13
C HIS A 162 -10.37 -5.51 -23.73
N LYS A 163 -10.00 -4.37 -23.15
CA LYS A 163 -10.32 -4.03 -21.75
C LYS A 163 -9.87 -5.09 -20.76
N ASP A 164 -8.65 -5.56 -20.94
CA ASP A 164 -8.11 -6.68 -20.20
C ASP A 164 -6.74 -6.28 -19.60
N ARG A 165 -6.68 -6.17 -18.28
CA ARG A 165 -5.45 -5.77 -17.60
C ARG A 165 -4.37 -6.81 -17.70
N SER A 166 -4.79 -8.05 -17.97
CA SER A 166 -3.89 -9.14 -18.20
C SER A 166 -3.78 -9.52 -19.69
N CYS A 167 -4.02 -8.57 -20.59
CA CYS A 167 -3.96 -8.90 -22.02
C CYS A 167 -2.59 -9.39 -22.41
N TYR A 168 -2.57 -10.53 -23.08
CA TYR A 168 -1.35 -11.16 -23.59
C TYR A 168 -1.08 -10.87 -25.07
N ILE A 169 -1.99 -10.16 -25.72
CA ILE A 169 -1.90 -9.93 -27.14
C ILE A 169 -1.35 -8.53 -27.38
N CYS A 170 -1.93 -7.54 -26.72
CA CYS A 170 -1.61 -6.16 -27.00
C CYS A 170 -0.18 -5.80 -26.55
N HIS A 171 0.44 -4.94 -27.35
CA HIS A 171 1.78 -4.43 -27.17
C HIS A 171 1.83 -3.36 -26.08
N ARG A 172 2.72 -3.55 -25.11
CA ARG A 172 2.92 -2.59 -24.04
C ARG A 172 4.23 -1.87 -24.21
N GLN A 173 4.31 -0.68 -23.62
CA GLN A 173 5.56 0.05 -23.56
C GLN A 173 5.88 0.49 -22.14
N LEU A 174 7.15 0.33 -21.75
CA LEU A 174 7.72 0.85 -20.52
CA LEU A 174 7.60 1.07 -20.59
C LEU A 174 8.94 1.70 -20.86
N LEU A 175 9.29 2.63 -19.97
CA LEU A 175 10.57 3.34 -20.04
C LEU A 175 11.57 2.82 -19.02
N PHE A 176 12.83 2.72 -19.45
CA PHE A 176 13.93 2.44 -18.56
C PHE A 176 14.72 3.73 -18.53
N CYS A 177 14.74 4.40 -17.38
CA CYS A 177 15.11 5.80 -17.27
C CYS A 177 16.33 6.02 -16.40
N ARG A 178 17.08 7.06 -16.73
CA ARG A 178 18.20 7.48 -15.91
C ARG A 178 17.61 8.48 -14.92
N VAL A 179 17.79 8.21 -13.61
CA VAL A 179 17.19 9.04 -12.57
C VAL A 179 18.23 9.51 -11.54
N THR A 180 18.23 10.80 -11.24
CA THR A 180 19.12 11.38 -10.26
C THR A 180 18.36 11.37 -8.94
N LEU A 181 18.85 10.62 -7.97
CA LEU A 181 18.22 10.60 -6.64
C LEU A 181 18.79 11.63 -5.69
N GLY A 182 20.06 12.00 -5.87
CA GLY A 182 20.78 12.80 -4.90
C GLY A 182 20.65 12.24 -3.49
N LYS A 183 20.48 13.13 -2.52
CA LYS A 183 20.22 12.71 -1.14
C LYS A 183 18.77 12.26 -1.00
N SER A 184 18.55 10.96 -0.79
CA SER A 184 17.19 10.43 -0.83
C SER A 184 16.65 10.23 0.59
N PHE A 185 15.42 10.65 0.82
CA PHE A 185 14.77 10.43 2.12
C PHE A 185 14.26 8.99 2.20
N LEU A 186 14.72 8.24 3.20
CA LEU A 186 14.40 6.83 3.35
C LEU A 186 13.09 6.68 4.10
N GLN A 187 12.09 6.08 3.45
CA GLN A 187 10.82 5.78 4.05
C GLN A 187 10.69 4.28 4.14
N PHE A 188 10.57 3.74 5.35
CA PHE A 188 10.36 2.31 5.54
C PHE A 188 8.85 2.15 5.39
N SER A 189 8.38 1.15 4.66
CA SER A 189 6.93 1.08 4.41
C SER A 189 6.43 -0.26 3.96
N ALA A 190 5.13 -0.49 4.20
CA ALA A 190 4.42 -1.73 3.82
C ALA A 190 4.08 -1.79 2.32
N MET A 193 2.81 19.01 -8.09
CA MET A 193 3.75 18.17 -7.36
C MET A 193 4.15 18.76 -6.01
N ALA A 194 4.39 17.87 -5.05
CA ALA A 194 4.91 18.24 -3.73
C ALA A 194 6.40 18.63 -3.85
N HIS A 195 6.97 19.07 -2.74
CA HIS A 195 8.42 19.28 -2.65
C HIS A 195 9.05 18.06 -2.01
N SER A 196 10.33 17.84 -2.32
CA SER A 196 11.15 16.86 -1.62
C SER A 196 11.16 17.23 -0.14
N PRO A 197 11.36 16.25 0.76
CA PRO A 197 11.56 16.64 2.15
C PRO A 197 12.76 17.61 2.28
N PRO A 198 12.66 18.63 3.15
CA PRO A 198 13.79 19.58 3.28
C PRO A 198 15.17 18.89 3.37
N GLY A 199 16.09 19.35 2.53
CA GLY A 199 17.44 18.78 2.48
C GLY A 199 17.59 17.47 1.72
N HIS A 200 16.57 17.07 0.94
CA HIS A 200 16.62 15.82 0.14
C HIS A 200 16.20 16.10 -1.30
N HIS A 201 16.63 15.27 -2.23
CA HIS A 201 16.30 15.44 -3.66
C HIS A 201 15.30 14.41 -4.19
N SER A 202 14.89 13.48 -3.32
CA SER A 202 14.03 12.36 -3.70
C SER A 202 13.60 11.64 -2.47
N VAL A 203 12.64 10.74 -2.63
CA VAL A 203 12.25 9.81 -1.59
C VAL A 203 12.46 8.37 -2.07
N THR A 204 12.96 7.52 -1.17
CA THR A 204 13.10 6.08 -1.40
C THR A 204 12.08 5.32 -0.58
N GLY A 205 11.20 4.60 -1.26
CA GLY A 205 10.28 3.71 -0.62
C GLY A 205 10.91 2.35 -0.41
N ARG A 206 11.31 2.08 0.82
CA ARG A 206 11.95 0.85 1.21
CA ARG A 206 11.95 0.80 1.18
C ARG A 206 10.89 -0.23 1.51
N PRO A 207 10.90 -1.36 0.80
CA PRO A 207 9.93 -2.41 1.15
C PRO A 207 10.15 -3.00 2.56
N SER A 208 9.10 -3.03 3.41
CA SER A 208 9.19 -3.44 4.84
C SER A 208 8.24 -4.59 5.30
N VAL A 209 7.67 -5.35 4.37
CA VAL A 209 6.86 -6.53 4.71
C VAL A 209 7.09 -7.65 3.68
N ASN A 210 6.81 -7.34 2.40
CA ASN A 210 7.16 -8.24 1.30
C ASN A 210 8.67 -8.21 1.09
N GLY A 211 9.27 -9.28 1.64
CA GLY A 211 10.69 -9.52 1.52
C GLY A 211 11.20 -9.68 0.11
N LEU A 212 10.35 -9.93 -0.87
CA LEU A 212 10.84 -10.04 -2.25
C LEU A 212 10.82 -8.72 -3.04
N ALA A 213 10.15 -7.70 -2.53
CA ALA A 213 9.97 -6.46 -3.26
C ALA A 213 11.24 -5.64 -3.34
N LEU A 214 11.50 -5.01 -4.49
CA LEU A 214 12.58 -4.05 -4.58
C LEU A 214 12.03 -2.64 -4.30
N ALA A 215 12.92 -1.66 -4.15
CA ALA A 215 12.55 -0.34 -3.82
C ALA A 215 11.85 0.38 -4.97
N GLU A 216 11.14 1.43 -4.57
CA GLU A 216 10.50 2.38 -5.46
C GLU A 216 11.02 3.75 -5.03
N TYR A 217 10.98 4.69 -5.95
CA TYR A 217 11.61 5.97 -5.76
C TYR A 217 10.71 7.05 -6.31
N VAL A 218 10.76 8.25 -5.69
CA VAL A 218 10.01 9.41 -6.15
C VAL A 218 10.89 10.62 -6.26
N ILE A 219 10.78 11.30 -7.40
CA ILE A 219 11.37 12.62 -7.60
C ILE A 219 10.26 13.64 -7.73
N TYR A 220 10.59 14.89 -7.42
CA TYR A 220 9.61 15.97 -7.41
C TYR A 220 9.95 17.01 -8.46
N ARG A 221 10.99 16.75 -9.25
CA ARG A 221 11.38 17.62 -10.35
C ARG A 221 11.56 16.75 -11.58
N GLY A 222 10.86 17.06 -12.65
CA GLY A 222 10.91 16.27 -13.88
C GLY A 222 12.27 16.22 -14.53
N GLU A 223 13.05 17.27 -14.30
CA GLU A 223 14.42 17.39 -14.77
C GLU A 223 15.36 16.34 -14.19
N GLN A 224 14.95 15.63 -13.14
CA GLN A 224 15.77 14.60 -12.52
C GLN A 224 15.66 13.20 -13.16
N ALA A 225 14.94 13.07 -14.28
CA ALA A 225 14.85 11.80 -15.00
C ALA A 225 14.96 12.06 -16.50
N TYR A 226 15.61 11.14 -17.18
CA TYR A 226 15.73 11.17 -18.61
C TYR A 226 15.31 9.78 -19.13
N PRO A 227 14.34 9.72 -20.05
CA PRO A 227 13.84 8.43 -20.51
C PRO A 227 14.73 7.82 -21.58
N GLU A 228 15.68 6.98 -21.19
CA GLU A 228 16.74 6.48 -22.06
C GLU A 228 16.26 5.45 -23.07
N TYR A 229 15.45 4.52 -22.61
CA TYR A 229 15.05 3.39 -23.44
C TYR A 229 13.55 3.22 -23.42
N LEU A 230 12.98 3.08 -24.63
CA LEU A 230 11.56 2.73 -24.82
C LEU A 230 11.53 1.26 -25.18
N ILE A 231 10.90 0.48 -24.32
CA ILE A 231 10.84 -0.96 -24.46
C ILE A 231 9.40 -1.35 -24.81
N THR A 232 9.25 -2.04 -25.95
CA THR A 232 7.96 -2.55 -26.38
C THR A 232 7.92 -4.08 -26.12
N TYR A 233 6.82 -4.56 -25.52
CA TYR A 233 6.76 -5.94 -25.05
C TYR A 233 5.34 -6.44 -24.90
N GLN A 234 5.20 -7.74 -24.71
CA GLN A 234 3.96 -8.33 -24.22
C GLN A 234 4.33 -9.09 -22.94
N ILE A 235 3.39 -9.14 -22.01
CA ILE A 235 3.49 -10.07 -20.92
C ILE A 235 3.19 -11.47 -21.48
N MET A 236 3.83 -12.50 -20.95
CA MET A 236 3.59 -13.86 -21.42
C MET A 236 2.78 -14.70 -20.43
N ARG A 237 1.79 -15.41 -20.98
CA ARG A 237 0.95 -16.32 -20.19
C ARG A 237 1.81 -17.46 -19.65
N PRO A 238 1.87 -17.63 -18.32
CA PRO A 238 2.64 -18.77 -17.77
C PRO A 238 2.17 -20.11 -18.31
N GLU A 239 3.09 -21.06 -18.48
CA GLU A 239 2.78 -22.31 -19.19
C GLU A 239 2.01 -23.36 -18.38
N GLY B 30 -3.16 -17.78 -0.03
CA GLY B 30 -4.18 -17.48 -1.07
C GLY B 30 -4.89 -16.14 -0.84
N THR B 31 -4.23 -15.19 -0.16
CA THR B 31 -4.83 -13.87 0.05
C THR B 31 -4.37 -12.98 -1.08
N ILE B 32 -5.30 -12.23 -1.67
CA ILE B 32 -4.91 -11.16 -2.58
C ILE B 32 -5.45 -9.82 -2.04
N LEU B 33 -4.68 -8.76 -2.27
CA LEU B 33 -5.07 -7.40 -1.88
C LEU B 33 -5.39 -6.57 -3.11
N ILE B 34 -6.58 -6.00 -3.13
CA ILE B 34 -7.01 -5.17 -4.27
C ILE B 34 -7.10 -3.72 -3.79
N ASP B 35 -6.33 -2.81 -4.41
CA ASP B 35 -6.43 -1.39 -4.04
C ASP B 35 -7.78 -0.82 -4.43
N LEU B 36 -8.33 -0.02 -3.55
CA LEU B 36 -9.48 0.79 -3.89
C LEU B 36 -9.00 2.16 -4.31
N SER B 37 -9.71 2.73 -5.28
CA SER B 37 -9.39 4.05 -5.77
C SER B 37 -9.96 5.07 -4.77
N PRO B 38 -9.21 6.14 -4.48
CA PRO B 38 -9.75 7.25 -3.71
C PRO B 38 -11.06 7.82 -4.26
N ASP B 39 -11.28 7.68 -5.55
CA ASP B 39 -12.51 8.17 -6.20
C ASP B 39 -13.69 7.25 -6.07
N ASP B 40 -13.47 6.09 -5.46
CA ASP B 40 -14.48 5.05 -5.26
C ASP B 40 -15.27 5.35 -3.96
N LYS B 41 -16.59 5.26 -4.01
CA LYS B 41 -17.42 5.42 -2.81
C LYS B 41 -17.02 4.49 -1.67
N GLU B 42 -16.57 3.27 -2.02
CA GLU B 42 -16.20 2.32 -1.00
C GLU B 42 -14.99 2.83 -0.20
N PHE B 43 -13.97 3.30 -0.90
CA PHE B 43 -12.78 3.90 -0.28
C PHE B 43 -13.22 5.02 0.65
N GLN B 44 -14.08 5.88 0.16
CA GLN B 44 -14.49 7.09 0.88
C GLN B 44 -15.29 6.75 2.13
N SER B 45 -16.10 5.71 2.06
CA SER B 45 -16.86 5.28 3.21
C SER B 45 -15.93 4.76 4.33
N VAL B 46 -14.96 3.95 3.95
CA VAL B 46 -14.00 3.48 4.90
C VAL B 46 -13.16 4.61 5.50
N GLU B 47 -12.69 5.54 4.67
CA GLU B 47 -11.99 6.71 5.20
C GLU B 47 -12.84 7.47 6.21
N GLU B 48 -14.10 7.69 5.89
CA GLU B 48 -14.98 8.44 6.80
C GLU B 48 -15.21 7.69 8.11
N GLU B 49 -15.24 6.36 8.11
CA GLU B 49 -15.37 5.63 9.38
CA GLU B 49 -15.33 5.56 9.35
C GLU B 49 -14.08 5.76 10.22
N MET B 50 -12.92 5.71 9.58
CA MET B 50 -11.65 5.99 10.23
C MET B 50 -11.61 7.40 10.83
N GLN B 51 -11.79 8.40 10.00
CA GLN B 51 -11.67 9.80 10.43
C GLN B 51 -12.72 10.19 11.47
N SER B 52 -13.95 9.74 11.29
CA SER B 52 -15.00 10.21 12.19
C SER B 52 -14.97 9.52 13.57
N THR B 53 -14.20 8.45 13.74
CA THR B 53 -14.16 7.72 15.02
C THR B 53 -12.84 7.91 15.80
N VAL B 54 -12.08 8.95 15.43
CA VAL B 54 -10.96 9.41 16.25
C VAL B 54 -11.53 10.10 17.49
N ARG B 55 -10.92 9.84 18.64
CA ARG B 55 -11.24 10.59 19.84
C ARG B 55 -9.99 10.81 20.64
N GLU B 56 -10.11 11.61 21.68
CA GLU B 56 -9.05 11.78 22.66
C GLU B 56 -9.03 10.59 23.57
N HIS B 57 -7.82 10.25 24.02
CA HIS B 57 -7.58 9.14 24.91
C HIS B 57 -7.05 9.60 26.28
N ARG B 58 -7.40 8.86 27.33
CA ARG B 58 -7.10 9.27 28.70
C ARG B 58 -5.62 9.23 28.98
N ASP B 59 -4.82 8.59 28.13
CA ASP B 59 -3.37 8.60 28.28
C ASP B 59 -2.66 9.82 27.64
N GLY B 60 -3.41 10.83 27.22
CA GLY B 60 -2.85 12.02 26.56
C GLY B 60 -2.11 11.70 25.24
N GLY B 61 -2.35 10.54 24.62
CA GLY B 61 -1.56 10.14 23.43
C GLY B 61 -0.35 9.24 23.65
N HIS B 62 -0.12 8.81 24.88
CA HIS B 62 1.08 8.03 25.22
C HIS B 62 1.22 6.78 24.31
N ALA B 63 0.16 5.99 24.21
CA ALA B 63 0.23 4.73 23.46
C ALA B 63 0.16 4.90 21.94
N GLY B 64 -0.79 5.72 21.47
CA GLY B 64 -1.06 5.85 20.05
C GLY B 64 -0.57 7.09 19.34
N GLY B 65 -0.10 8.07 20.11
CA GLY B 65 0.30 9.38 19.60
C GLY B 65 -0.72 10.49 19.75
N ILE B 66 -0.30 11.70 19.38
CA ILE B 66 -1.15 12.89 19.49
C ILE B 66 -1.63 13.25 18.11
N PHE B 67 -2.95 13.20 17.90
CA PHE B 67 -3.55 13.46 16.59
C PHE B 67 -5.06 13.61 16.70
N ASN B 68 -5.62 14.35 15.77
CA ASN B 68 -7.07 14.45 15.60
C ASN B 68 -7.57 13.79 14.35
N ARG B 69 -6.67 13.51 13.40
CA ARG B 69 -7.06 12.90 12.15
C ARG B 69 -5.90 12.14 11.53
N TYR B 70 -6.19 11.38 10.46
CA TYR B 70 -5.19 10.59 9.78
C TYR B 70 -4.96 11.10 8.37
N ASN B 71 -3.76 10.85 7.87
CA ASN B 71 -3.50 10.83 6.42
C ASN B 71 -3.64 9.39 5.86
N ILE B 72 -4.73 9.12 5.16
CA ILE B 72 -4.98 7.80 4.60
C ILE B 72 -4.16 7.67 3.30
N LEU B 73 -3.27 6.68 3.28
CA LEU B 73 -2.37 6.51 2.17
C LEU B 73 -2.93 5.49 1.21
N LYS B 74 -3.59 4.45 1.74
CA LYS B 74 -4.10 3.40 0.91
C LYS B 74 -5.14 2.56 1.66
N ILE B 75 -6.12 2.06 0.90
CA ILE B 75 -7.11 1.11 1.41
C ILE B 75 -7.22 -0.04 0.43
N GLN B 76 -6.93 -1.24 0.93
CA GLN B 76 -7.00 -2.44 0.14
C GLN B 76 -8.09 -3.38 0.64
N LYS B 77 -8.79 -3.97 -0.32
CA LYS B 77 -9.75 -5.01 -0.06
C LYS B 77 -8.95 -6.29 0.13
N VAL B 78 -9.23 -7.04 1.19
CA VAL B 78 -8.51 -8.29 1.48
C VAL B 78 -9.33 -9.50 1.04
N CYS B 79 -8.83 -10.30 0.09
CA CYS B 79 -9.64 -11.37 -0.50
C CYS B 79 -9.00 -12.74 -0.29
N ASN B 80 -9.76 -13.64 0.31
CA ASN B 80 -9.27 -14.96 0.58
C ASN B 80 -10.46 -15.88 0.75
N LYS B 81 -10.62 -16.76 -0.23
CA LYS B 81 -11.80 -17.60 -0.39
C LYS B 81 -11.93 -18.58 0.77
N LYS B 82 -10.83 -19.24 1.12
CA LYS B 82 -10.84 -20.19 2.21
C LYS B 82 -11.17 -19.50 3.55
N LEU B 83 -10.55 -18.34 3.82
CA LEU B 83 -10.81 -17.60 5.05
C LEU B 83 -12.23 -17.06 5.10
N TRP B 84 -12.74 -16.66 3.94
CA TRP B 84 -14.10 -16.17 3.84
C TRP B 84 -15.12 -17.26 4.15
N GLU B 85 -14.89 -18.45 3.60
CA GLU B 85 -15.77 -19.59 3.85
C GLU B 85 -15.70 -20.01 5.32
N ARG B 86 -14.53 -19.95 5.90
CA ARG B 86 -14.36 -20.22 7.32
C ARG B 86 -15.23 -19.25 8.14
N TYR B 87 -15.12 -17.96 7.81
CA TYR B 87 -15.96 -16.93 8.44
C TYR B 87 -17.47 -17.21 8.27
N THR B 88 -17.95 -17.42 7.06
CA THR B 88 -19.40 -17.60 6.78
C THR B 88 -20.02 -18.86 7.38
N HIS B 89 -19.21 -19.91 7.51
CA HIS B 89 -19.61 -21.13 8.17
C HIS B 89 -19.82 -20.85 9.65
N ARG B 90 -18.85 -20.18 10.28
CA ARG B 90 -19.02 -19.83 11.68
C ARG B 90 -20.19 -18.86 11.89
N ARG B 91 -20.36 -17.92 11.00
CA ARG B 91 -21.46 -16.93 11.12
C ARG B 91 -22.84 -17.62 11.12
N LYS B 92 -22.96 -18.65 10.29
CA LYS B 92 -24.19 -19.39 10.16
C LYS B 92 -24.50 -20.19 11.43
N GLU B 93 -23.49 -20.80 12.05
CA GLU B 93 -23.71 -21.51 13.33
C GLU B 93 -24.14 -20.53 14.41
N VAL B 94 -23.47 -19.38 14.46
CA VAL B 94 -23.78 -18.37 15.47
C VAL B 94 -25.17 -17.81 15.22
N SER B 95 -25.46 -17.49 13.97
CA SER B 95 -26.74 -16.97 13.60
C SER B 95 -27.87 -17.95 13.97
N GLU B 96 -27.67 -19.25 13.71
CA GLU B 96 -28.68 -20.25 14.08
C GLU B 96 -28.80 -20.40 15.59
N GLU B 97 -27.68 -20.35 16.31
CA GLU B 97 -27.73 -20.38 17.78
C GLU B 97 -28.35 -19.14 18.38
N ASN B 98 -28.35 -18.02 17.66
CA ASN B 98 -28.91 -16.76 18.17
C ASN B 98 -30.22 -16.37 17.47
N HIS B 99 -31.00 -17.38 17.12
CA HIS B 99 -32.35 -17.22 16.57
C HIS B 99 -32.35 -16.39 15.30
N ASN B 100 -31.46 -16.80 14.41
CA ASN B 100 -31.28 -16.22 13.08
CA ASN B 100 -31.31 -16.21 13.08
C ASN B 100 -30.84 -14.73 13.13
N HIS B 101 -29.83 -14.46 13.94
CA HIS B 101 -29.28 -13.10 14.04
C HIS B 101 -27.77 -13.17 14.28
N ALA B 102 -27.00 -12.89 13.25
CA ALA B 102 -25.52 -12.94 13.34
C ALA B 102 -24.99 -11.80 14.20
N ASN B 103 -25.72 -10.69 14.21
CA ASN B 103 -25.33 -9.48 14.95
C ASN B 103 -23.96 -9.08 14.45
N GLU B 104 -23.88 -8.91 13.14
CA GLU B 104 -22.64 -8.61 12.45
C GLU B 104 -22.34 -7.11 12.37
N ARG B 105 -21.08 -6.77 12.66
CA ARG B 105 -20.56 -5.39 12.69
C ARG B 105 -19.30 -5.22 11.85
N MET B 106 -18.98 -3.97 11.56
CA MET B 106 -17.67 -3.61 10.98
C MET B 106 -16.92 -2.89 12.07
N LEU B 107 -15.74 -3.39 12.42
CA LEU B 107 -14.98 -2.89 13.56
C LEU B 107 -13.49 -2.84 13.26
N PHE B 108 -12.78 -1.95 13.93
CA PHE B 108 -11.35 -1.82 13.74
C PHE B 108 -10.56 -2.81 14.58
N HIS B 109 -9.37 -3.15 14.08
CA HIS B 109 -8.42 -3.97 14.80
C HIS B 109 -7.03 -3.50 14.42
N GLY B 110 -6.24 -3.20 15.44
CA GLY B 110 -4.85 -2.87 15.26
C GLY B 110 -4.02 -3.91 15.99
N SER B 111 -2.90 -4.29 15.40
CA SER B 111 -2.10 -5.37 15.92
C SER B 111 -0.72 -5.46 15.27
N PRO B 112 0.29 -5.86 16.05
CA PRO B 112 1.60 -6.19 15.46
C PRO B 112 1.53 -7.40 14.52
N PHE B 113 0.47 -8.20 14.56
CA PHE B 113 0.37 -9.39 13.73
C PHE B 113 -0.49 -9.17 12.47
N VAL B 114 -0.78 -7.92 12.13
CA VAL B 114 -1.61 -7.62 10.98
C VAL B 114 -1.16 -8.39 9.72
N ASN B 115 0.14 -8.49 9.49
CA ASN B 115 0.61 -9.23 8.30
C ASN B 115 0.34 -10.73 8.36
N ALA B 116 0.41 -11.33 9.53
CA ALA B 116 -0.06 -12.70 9.70
C ALA B 116 -1.59 -12.85 9.54
N ILE B 117 -2.35 -11.89 10.08
CA ILE B 117 -3.80 -12.03 10.08
C ILE B 117 -4.42 -12.07 8.67
N ILE B 118 -3.94 -11.20 7.80
CA ILE B 118 -4.50 -11.16 6.43
C ILE B 118 -4.16 -12.43 5.62
N HIS B 119 -3.11 -13.15 6.01
CA HIS B 119 -2.72 -14.36 5.28
C HIS B 119 -3.29 -15.60 5.89
N LYS B 120 -3.26 -15.70 7.22
CA LYS B 120 -3.64 -16.92 7.89
C LYS B 120 -4.95 -16.82 8.66
N GLY B 121 -5.48 -15.60 8.80
CA GLY B 121 -6.76 -15.41 9.49
C GLY B 121 -6.55 -15.21 10.96
N PHE B 122 -7.59 -14.76 11.66
CA PHE B 122 -7.53 -14.61 13.13
C PHE B 122 -7.53 -15.98 13.82
N ASP B 123 -6.79 -16.10 14.91
CA ASP B 123 -6.78 -17.30 15.79
C ASP B 123 -6.11 -16.94 17.12
N GLU B 124 -5.95 -17.91 18.01
CA GLU B 124 -5.51 -17.66 19.40
C GLU B 124 -4.21 -16.84 19.52
N ARG B 125 -3.29 -16.98 18.56
CA ARG B 125 -2.04 -16.17 18.57
C ARG B 125 -2.32 -14.67 18.55
N HIS B 126 -3.51 -14.26 18.10
CA HIS B 126 -3.85 -12.81 17.95
C HIS B 126 -4.70 -12.20 19.08
N ALA B 127 -4.87 -12.99 20.14
CA ALA B 127 -5.64 -12.59 21.32
C ALA B 127 -4.86 -11.66 22.19
N TYR B 128 -5.59 -10.79 22.88
CA TYR B 128 -5.04 -9.95 23.95
C TYR B 128 -5.24 -10.70 25.25
N ILE B 129 -4.18 -11.36 25.71
CA ILE B 129 -4.31 -12.29 26.83
C ILE B 129 -4.75 -11.55 28.08
N GLY B 130 -4.15 -10.39 28.34
CA GLY B 130 -4.48 -9.62 29.53
C GLY B 130 -5.53 -8.54 29.38
N GLY B 131 -6.43 -8.69 28.40
CA GLY B 131 -7.49 -7.72 28.20
C GLY B 131 -8.48 -7.73 29.34
N MET B 132 -9.13 -6.60 29.58
CA MET B 132 -10.09 -6.44 30.68
C MET B 132 -11.36 -7.33 30.66
N PHE B 133 -11.68 -7.93 29.52
CA PHE B 133 -12.79 -8.88 29.44
C PHE B 133 -12.31 -10.26 29.07
N GLY B 134 -11.10 -10.59 29.50
CA GLY B 134 -10.55 -11.93 29.32
C GLY B 134 -9.78 -12.06 28.05
N ALA B 135 -9.09 -13.20 27.93
CA ALA B 135 -8.29 -13.52 26.74
C ALA B 135 -9.21 -13.77 25.54
N GLY B 136 -9.23 -12.80 24.64
CA GLY B 136 -9.96 -12.97 23.39
C GLY B 136 -9.42 -12.01 22.35
N ILE B 137 -10.07 -11.92 21.21
CA ILE B 137 -9.61 -11.02 20.18
C ILE B 137 -10.44 -9.76 20.29
N TYR B 138 -9.77 -8.62 20.40
CA TYR B 138 -10.43 -7.34 20.72
C TYR B 138 -10.60 -6.47 19.48
N PHE B 139 -11.73 -5.78 19.38
CA PHE B 139 -12.06 -4.88 18.30
C PHE B 139 -12.66 -3.59 18.85
N ALA B 140 -12.54 -2.50 18.10
CA ALA B 140 -12.99 -1.18 18.53
C ALA B 140 -13.87 -0.51 17.51
N GLU B 141 -14.87 0.21 18.01
CA GLU B 141 -15.60 1.19 17.21
C GLU B 141 -14.75 2.43 16.98
N ASN B 142 -13.88 2.80 17.93
CA ASN B 142 -12.99 3.95 17.72
C ASN B 142 -11.72 3.52 16.96
N SER B 143 -11.52 4.00 15.75
CA SER B 143 -10.28 3.73 15.02
C SER B 143 -9.05 4.10 15.86
N SER B 144 -9.13 5.20 16.62
CA SER B 144 -8.01 5.67 17.47
C SER B 144 -7.70 4.74 18.63
N LYS B 145 -8.67 3.94 19.08
CA LYS B 145 -8.41 2.92 20.12
C LYS B 145 -7.57 1.79 19.50
N SER B 146 -7.98 1.28 18.34
CA SER B 146 -7.18 0.27 17.63
C SER B 146 -5.79 0.77 17.25
N ASN B 147 -5.69 2.04 16.87
CA ASN B 147 -4.36 2.67 16.62
C ASN B 147 -3.39 2.55 17.79
N GLN B 148 -3.89 2.46 19.03
CA GLN B 148 -3.03 2.24 20.23
C GLN B 148 -2.26 0.90 20.28
N TYR B 149 -2.65 -0.07 19.44
CA TYR B 149 -2.12 -1.44 19.42
C TYR B 149 -1.31 -1.79 18.18
N VAL B 150 -1.23 -0.84 17.25
CA VAL B 150 -0.47 -1.02 16.03
C VAL B 150 1.00 -1.42 16.30
N TYR B 151 1.62 -0.80 17.28
CA TYR B 151 2.99 -1.17 17.67
C TYR B 151 3.05 -2.05 18.93
N GLY B 152 1.92 -2.69 19.24
CA GLY B 152 1.82 -3.61 20.37
C GLY B 152 1.02 -3.04 21.54
N ILE B 153 0.97 -3.81 22.62
CA ILE B 153 0.26 -3.42 23.82
C ILE B 153 0.89 -2.16 24.39
N GLY B 154 0.05 -1.18 24.72
CA GLY B 154 0.53 0.15 25.22
C GLY B 154 1.28 0.97 24.18
N GLY B 155 1.18 0.57 22.92
CA GLY B 155 2.01 1.08 21.83
C GLY B 155 3.44 0.57 21.79
N GLY B 156 3.77 -0.44 22.62
CA GLY B 156 5.12 -0.99 22.74
C GLY B 156 6.15 0.11 22.85
N THR B 157 7.17 0.07 22.00
CA THR B 157 8.18 1.13 21.96
C THR B 157 8.01 2.04 20.72
N GLY B 158 6.81 2.04 20.14
CA GLY B 158 6.53 2.86 18.96
C GLY B 158 7.11 2.35 17.64
N CYS B 159 7.27 3.24 16.68
CA CYS B 159 7.68 2.81 15.36
C CYS B 159 9.08 2.14 15.42
N PRO B 160 9.31 1.15 14.55
CA PRO B 160 10.64 0.53 14.52
C PRO B 160 11.77 1.51 14.28
N VAL B 161 11.56 2.45 13.36
CA VAL B 161 12.62 3.34 12.90
C VAL B 161 13.00 4.42 13.91
N HIS B 162 12.03 5.06 14.56
CA HIS B 162 12.34 6.14 15.49
C HIS B 162 12.03 5.84 16.95
N LYS B 163 11.45 4.69 17.25
CA LYS B 163 11.03 4.38 18.58
C LYS B 163 10.10 5.45 19.14
N ASP B 164 9.15 5.87 18.30
CA ASP B 164 8.28 6.97 18.64
C ASP B 164 6.83 6.50 18.49
N ARG B 165 6.14 6.40 19.61
CA ARG B 165 4.73 6.03 19.60
C ARG B 165 3.82 7.07 18.92
N SER B 166 4.31 8.31 18.83
CA SER B 166 3.61 9.34 18.12
C SER B 166 4.30 9.71 16.80
N CYS B 167 5.01 8.77 16.18
CA CYS B 167 5.72 9.06 14.91
C CYS B 167 4.70 9.50 13.88
N TYR B 168 4.99 10.64 13.23
CA TYR B 168 4.18 11.20 12.15
C TYR B 168 4.72 10.85 10.76
N ILE B 169 5.82 10.12 10.71
CA ILE B 169 6.50 9.82 9.48
C ILE B 169 6.17 8.41 9.02
N CYS B 170 6.31 7.46 9.93
CA CYS B 170 6.20 6.07 9.59
C CYS B 170 4.76 5.66 9.29
N HIS B 171 4.64 4.75 8.34
CA HIS B 171 3.37 4.26 7.86
C HIS B 171 2.83 3.20 8.78
N ARG B 172 1.56 3.33 9.18
CA ARG B 172 0.86 2.35 10.01
C ARG B 172 -0.20 1.61 9.18
N GLN B 173 -0.60 0.44 9.66
CA GLN B 173 -1.70 -0.31 9.09
C GLN B 173 -2.75 -0.68 10.15
N LEU B 174 -4.03 -0.65 9.78
CA LEU B 174 -5.13 -1.10 10.65
C LEU B 174 -5.96 -2.00 9.79
N LEU B 175 -6.76 -2.86 10.43
CA LEU B 175 -7.75 -3.64 9.71
C LEU B 175 -9.12 -3.12 10.06
N PHE B 176 -10.01 -3.17 9.09
CA PHE B 176 -11.40 -2.86 9.34
C PHE B 176 -12.11 -4.15 8.93
N CYS B 177 -12.76 -4.78 9.91
CA CYS B 177 -13.13 -6.18 9.85
C CYS B 177 -14.60 -6.42 10.04
N ARG B 178 -15.08 -7.48 9.41
CA ARG B 178 -16.42 -7.95 9.59
C ARG B 178 -16.38 -8.89 10.81
N VAL B 179 -17.24 -8.63 11.81
CA VAL B 179 -17.19 -9.34 13.11
C VAL B 179 -18.60 -9.81 13.49
N THR B 180 -18.72 -11.11 13.76
CA THR B 180 -19.99 -11.72 14.19
C THR B 180 -20.02 -11.70 15.71
N LEU B 181 -20.92 -10.91 16.25
CA LEU B 181 -21.06 -10.80 17.70
C LEU B 181 -22.00 -11.81 18.28
N GLY B 182 -22.98 -12.25 17.49
CA GLY B 182 -24.05 -13.09 18.01
C GLY B 182 -24.67 -12.49 19.27
N LYS B 183 -25.04 -13.33 20.22
CA LYS B 183 -25.53 -12.86 21.51
C LYS B 183 -24.34 -12.30 22.26
N SER B 184 -24.33 -11.00 22.49
CA SER B 184 -23.18 -10.35 23.13
C SER B 184 -23.49 -10.04 24.59
N PHE B 185 -22.57 -10.40 25.48
CA PHE B 185 -22.71 -10.09 26.90
C PHE B 185 -22.27 -8.66 27.12
N LEU B 186 -23.18 -7.86 27.65
CA LEU B 186 -22.92 -6.45 27.88
C LEU B 186 -22.17 -6.23 29.18
N GLN B 187 -20.98 -5.67 29.11
CA GLN B 187 -20.21 -5.41 30.29
C GLN B 187 -19.96 -3.93 30.34
N PHE B 188 -20.36 -3.28 31.42
CA PHE B 188 -20.06 -1.86 31.57
C PHE B 188 -18.68 -1.81 32.24
N SER B 189 -17.85 -0.87 31.83
CA SER B 189 -16.48 -0.79 32.31
C SER B 189 -16.19 0.63 32.72
N ALA B 190 -15.39 0.79 33.77
CA ALA B 190 -15.15 2.08 34.38
C ALA B 190 -14.24 2.99 33.56
N MET B 191 -13.95 2.61 32.32
CA MET B 191 -13.13 3.42 31.42
C MET B 191 -13.87 4.65 30.85
N LYS B 192 -13.24 5.62 30.42
N MET B 193 -6.81 -19.46 24.65
CA MET B 193 -7.89 -18.43 24.53
C MET B 193 -9.12 -18.76 25.42
N ALA B 194 -9.66 -17.73 26.07
CA ALA B 194 -10.77 -17.88 27.03
C ALA B 194 -12.07 -18.30 26.35
N HIS B 195 -13.00 -18.77 27.16
CA HIS B 195 -14.30 -19.17 26.68
C HIS B 195 -15.28 -18.00 26.79
N SER B 196 -16.22 -17.95 25.86
CA SER B 196 -17.26 -16.93 25.84
C SER B 196 -18.20 -17.13 27.04
N PRO B 197 -18.86 -16.04 27.51
CA PRO B 197 -19.83 -16.26 28.60
C PRO B 197 -20.91 -17.27 28.21
N PRO B 198 -21.24 -18.24 29.10
CA PRO B 198 -22.24 -19.24 28.70
C PRO B 198 -23.51 -18.64 28.06
N GLY B 199 -23.87 -19.20 26.91
CA GLY B 199 -25.00 -18.73 26.12
C GLY B 199 -24.73 -17.40 25.43
N HIS B 200 -23.46 -17.06 25.24
CA HIS B 200 -23.06 -15.80 24.58
C HIS B 200 -21.94 -16.07 23.58
N HIS B 201 -21.81 -15.25 22.55
CA HIS B 201 -20.77 -15.46 21.53
C HIS B 201 -19.72 -14.37 21.50
N SER B 202 -19.88 -13.36 22.35
CA SER B 202 -18.98 -12.25 22.43
C SER B 202 -19.26 -11.44 23.67
N VAL B 203 -18.35 -10.51 23.97
CA VAL B 203 -18.55 -9.50 24.99
C VAL B 203 -18.49 -8.12 24.38
N THR B 204 -19.44 -7.28 24.81
CA THR B 204 -19.47 -5.87 24.51
C THR B 204 -19.01 -5.10 25.74
N GLY B 205 -17.88 -4.41 25.60
CA GLY B 205 -17.32 -3.56 26.64
C GLY B 205 -17.72 -2.13 26.38
N ARG B 206 -18.57 -1.60 27.24
CA ARG B 206 -19.14 -0.27 27.00
C ARG B 206 -18.64 0.70 28.05
N PRO B 207 -17.82 1.68 27.65
CA PRO B 207 -17.34 2.63 28.62
C PRO B 207 -18.49 3.38 29.30
N SER B 208 -18.48 3.39 30.61
CA SER B 208 -19.55 4.00 31.37
C SER B 208 -19.14 5.36 31.98
N VAL B 209 -17.85 5.68 32.00
CA VAL B 209 -17.35 6.96 32.55
C VAL B 209 -17.20 8.04 31.46
N ASN B 210 -16.35 7.80 30.46
CA ASN B 210 -16.23 8.70 29.32
C ASN B 210 -17.32 8.50 28.27
N GLY B 211 -18.26 9.44 28.21
CA GLY B 211 -19.42 9.31 27.35
C GLY B 211 -19.12 9.46 25.87
N LEU B 212 -17.93 9.99 25.53
CA LEU B 212 -17.52 10.06 24.13
C LEU B 212 -16.82 8.81 23.61
N ALA B 213 -16.49 7.87 24.49
CA ALA B 213 -15.75 6.70 24.12
C ALA B 213 -16.72 5.67 23.60
N LEU B 214 -16.45 5.12 22.42
CA LEU B 214 -17.31 4.06 21.86
C LEU B 214 -16.99 2.68 22.43
N ALA B 215 -17.75 1.68 22.04
CA ALA B 215 -17.61 0.34 22.61
C ALA B 215 -16.44 -0.41 22.04
N GLU B 216 -16.06 -1.42 22.80
CA GLU B 216 -15.00 -2.35 22.47
C GLU B 216 -15.60 -3.73 22.52
N TYR B 217 -15.14 -4.66 21.67
CA TYR B 217 -15.77 -5.96 21.57
C TYR B 217 -14.76 -7.10 21.59
N VAL B 218 -15.15 -8.21 22.19
CA VAL B 218 -14.30 -9.38 22.31
C VAL B 218 -15.00 -10.59 21.73
N ILE B 219 -14.27 -11.29 20.86
CA ILE B 219 -14.65 -12.61 20.41
C ILE B 219 -13.65 -13.65 20.93
N TYR B 220 -14.11 -14.89 21.04
CA TYR B 220 -13.31 -15.96 21.61
C TYR B 220 -12.98 -17.05 20.59
N ARG B 221 -13.37 -16.83 19.35
CA ARG B 221 -13.09 -17.73 18.25
C ARG B 221 -12.60 -16.84 17.12
N GLY B 222 -11.48 -17.16 16.51
CA GLY B 222 -10.97 -16.35 15.37
C GLY B 222 -11.83 -16.42 14.13
N GLU B 223 -12.59 -17.49 13.99
CA GLU B 223 -13.50 -17.63 12.86
C GLU B 223 -14.68 -16.65 12.84
N GLN B 224 -14.91 -15.94 13.94
CA GLN B 224 -15.97 -14.91 14.01
C GLN B 224 -15.54 -13.55 13.53
N ALA B 225 -14.34 -13.45 12.95
CA ALA B 225 -13.93 -12.21 12.29
C ALA B 225 -13.24 -12.44 10.91
N TYR B 226 -13.48 -11.52 9.97
CA TYR B 226 -12.81 -11.54 8.69
C TYR B 226 -12.19 -10.16 8.44
N PRO B 227 -10.85 -10.11 8.22
CA PRO B 227 -10.17 -8.85 8.00
C PRO B 227 -10.45 -8.31 6.61
N GLU B 228 -11.54 -7.59 6.44
CA GLU B 228 -12.00 -7.23 5.13
C GLU B 228 -11.22 -6.11 4.44
N TYR B 229 -10.80 -5.08 5.17
CA TYR B 229 -10.02 -4.00 4.60
C TYR B 229 -8.69 -3.78 5.34
N LEU B 230 -7.66 -3.46 4.58
CA LEU B 230 -6.32 -3.17 5.10
C LEU B 230 -6.03 -1.70 4.80
N ILE B 231 -5.86 -0.91 5.85
CA ILE B 231 -5.78 0.56 5.72
C ILE B 231 -4.38 0.94 6.12
N THR B 232 -3.67 1.57 5.19
CA THR B 232 -2.34 2.12 5.43
C THR B 232 -2.42 3.64 5.59
N TYR B 233 -1.78 4.16 6.63
CA TYR B 233 -1.99 5.56 7.03
C TYR B 233 -0.89 6.11 7.93
N GLN B 234 -0.89 7.42 8.10
CA GLN B 234 -0.05 8.10 9.05
C GLN B 234 -0.98 8.85 10.00
N ILE B 235 -0.62 8.95 11.26
CA ILE B 235 -1.30 9.94 12.11
C ILE B 235 -0.78 11.32 11.71
N MET B 236 -1.60 12.35 11.88
CA MET B 236 -1.23 13.72 11.51
C MET B 236 -0.99 14.65 12.73
N ARG B 237 0.12 15.38 12.70
CA ARG B 237 0.41 16.35 13.78
C ARG B 237 -0.62 17.48 13.77
N PRO B 238 -1.28 17.77 14.91
CA PRO B 238 -2.21 18.91 14.90
C PRO B 238 -1.46 20.25 14.74
N GLU B 239 -2.12 21.26 14.19
CA GLU B 239 -1.48 22.57 13.96
C GLU B 239 -1.75 23.56 15.07
#